data_9EW7
#
_entry.id   9EW7
#
_cell.length_a   82.375
_cell.length_b   112.196
_cell.length_c   62.708
_cell.angle_alpha   90.00
_cell.angle_beta   90.00
_cell.angle_gamma   90.00
#
_symmetry.space_group_name_H-M   'C 2 2 21'
#
loop_
_entity.id
_entity.type
_entity.pdbx_description
1 polymer '14-3-3 protein sigma'
2 polymer 'RAF proto-oncogene serine/threonine-protein kinase'
3 non-polymer 'CHLORIDE ION'
4 non-polymer 'MAGNESIUM ION'
5 non-polymer 'CALCIUM ION'
6 water water
#
loop_
_entity_poly.entity_id
_entity_poly.type
_entity_poly.pdbx_seq_one_letter_code
_entity_poly.pdbx_strand_id
1 'polypeptide(L)'
;GAMGSMERASLIQKAKLAEQAERYEDMAAFMKGAVEKGEELSCEERNLLSVAYKNVVGGQRAAWRVLSSIEQKSNEEGSE
EKGPEVREYREKVETELQGVCDTVLGLLDSHLIKEAGDAESRVFYLKMKGDYYRYLAEVATGDDKKRIIDSARSAYQEAM
DISKKEMPPTNPIRLGLALNFSVFHYEIANSPEEAISLAKTTFDEAMADLHTLSEDSYKDSTLIMQLLRDNLTLWT
;
A
2 'polypeptide(L)' QRST(SEP)TPNVH P
#
# COMPACT_ATOMS: atom_id res chain seq x y z
N GLY A 1 22.77 -5.50 -9.60
CA GLY A 1 21.46 -5.28 -10.19
C GLY A 1 21.63 -4.72 -11.59
N ALA A 2 20.61 -4.98 -12.43
CA ALA A 2 20.66 -4.62 -13.83
C ALA A 2 20.70 -3.11 -14.05
N MET A 3 20.23 -2.34 -13.06
CA MET A 3 20.23 -0.88 -13.17
C MET A 3 21.48 -0.22 -12.58
N GLY A 4 22.42 -1.04 -12.10
CA GLY A 4 23.63 -0.53 -11.48
C GLY A 4 24.51 0.36 -12.36
N SER A 5 24.45 0.16 -13.68
CA SER A 5 25.21 0.99 -14.59
C SER A 5 24.52 2.29 -15.03
N MET A 6 23.24 2.48 -14.69
CA MET A 6 22.54 3.67 -15.11
C MET A 6 22.61 4.77 -14.06
N GLU A 7 22.82 6.03 -14.49
CA GLU A 7 22.75 7.17 -13.60
C GLU A 7 21.42 7.25 -12.82
N ARG A 8 21.49 7.68 -11.56
CA ARG A 8 20.30 7.92 -10.77
C ARG A 8 19.31 8.84 -11.49
N ALA A 9 19.78 9.95 -12.07
CA ALA A 9 18.86 10.87 -12.70
C ALA A 9 18.17 10.22 -13.91
N SER A 10 18.93 9.42 -14.66
CA SER A 10 18.38 8.70 -15.80
C SER A 10 17.29 7.70 -15.42
N LEU A 11 17.53 6.98 -14.31
CA LEU A 11 16.54 6.06 -13.75
C LEU A 11 15.24 6.79 -13.39
N ILE A 12 15.36 7.97 -12.77
CA ILE A 12 14.18 8.74 -12.42
C ILE A 12 13.47 9.23 -13.69
N GLN A 13 14.25 9.76 -14.65
CA GLN A 13 13.65 10.17 -15.91
C GLN A 13 12.90 9.03 -16.59
N LYS A 14 13.50 7.84 -16.64
CA LYS A 14 12.89 6.69 -17.30
C LYS A 14 11.69 6.18 -16.50
N ALA A 15 11.71 6.29 -15.16
CA ALA A 15 10.56 5.92 -14.38
C ALA A 15 9.35 6.79 -14.80
N LYS A 16 9.59 8.08 -15.01
CA LYS A 16 8.51 8.99 -15.40
C LYS A 16 7.98 8.67 -16.80
N LEU A 17 8.88 8.31 -17.70
CA LEU A 17 8.50 7.85 -19.04
C LEU A 17 7.66 6.57 -19.01
N ALA A 18 8.10 5.58 -18.23
CA ALA A 18 7.40 4.34 -18.06
C ALA A 18 6.00 4.55 -17.50
N GLU A 19 5.86 5.46 -16.52
CA GLU A 19 4.54 5.85 -16.04
C GLU A 19 3.65 6.37 -17.17
N GLN A 20 4.20 7.24 -18.02
CA GLN A 20 3.41 7.78 -19.13
C GLN A 20 2.99 6.70 -20.13
N ALA A 21 3.85 5.69 -20.30
CA ALA A 21 3.61 4.58 -21.19
C ALA A 21 2.81 3.45 -20.54
N GLU A 22 2.41 3.64 -19.29
CA GLU A 22 1.77 2.59 -18.48
C GLU A 22 2.56 1.29 -18.48
N ARG A 23 3.88 1.41 -18.35
CA ARG A 23 4.80 0.28 -18.20
C ARG A 23 5.26 0.19 -16.75
N TYR A 24 4.37 -0.32 -15.89
CA TYR A 24 4.62 -0.19 -14.47
C TYR A 24 5.70 -1.14 -13.95
N GLU A 25 5.84 -2.32 -14.55
CA GLU A 25 6.94 -3.20 -14.20
C GLU A 25 8.30 -2.53 -14.45
N ASP A 26 8.46 -1.92 -15.62
CA ASP A 26 9.66 -1.14 -15.90
C ASP A 26 9.83 0.01 -14.92
N MET A 27 8.73 0.72 -14.63
CA MET A 27 8.77 1.86 -13.72
C MET A 27 9.31 1.40 -12.37
N ALA A 28 8.82 0.24 -11.90
CA ALA A 28 9.25 -0.30 -10.62
C ALA A 28 10.73 -0.68 -10.60
N ALA A 29 11.18 -1.36 -11.67
CA ALA A 29 12.59 -1.69 -11.80
C ALA A 29 13.48 -0.45 -11.82
N PHE A 30 13.07 0.61 -12.52
CA PHE A 30 13.84 1.84 -12.55
C PHE A 30 13.88 2.46 -11.15
N MET A 31 12.76 2.49 -10.44
CA MET A 31 12.76 3.08 -9.10
C MET A 31 13.53 2.25 -8.09
N LYS A 32 13.46 0.92 -8.21
CA LYS A 32 14.31 0.06 -7.43
C LYS A 32 15.79 0.42 -7.65
N GLY A 33 16.17 0.58 -8.93
CA GLY A 33 17.55 0.94 -9.26
C GLY A 33 17.93 2.27 -8.60
N ALA A 34 17.01 3.24 -8.65
CA ALA A 34 17.23 4.53 -8.01
C ALA A 34 17.44 4.44 -6.50
N VAL A 35 16.58 3.67 -5.82
CA VAL A 35 16.73 3.46 -4.40
C VAL A 35 18.09 2.88 -4.08
N GLU A 36 18.50 1.90 -4.89
CA GLU A 36 19.74 1.17 -4.65
C GLU A 36 20.99 2.03 -4.88
N LYS A 37 20.84 3.23 -5.43
CA LYS A 37 21.95 4.18 -5.42
C LYS A 37 22.38 4.64 -4.03
N GLY A 38 21.49 4.47 -3.02
CA GLY A 38 21.82 4.73 -1.62
C GLY A 38 21.50 6.12 -1.10
N GLU A 39 21.06 7.03 -1.98
CA GLU A 39 20.70 8.36 -1.56
C GLU A 39 19.23 8.34 -1.11
N GLU A 40 18.88 9.24 -0.19
CA GLU A 40 17.49 9.38 0.19
C GLU A 40 16.67 9.81 -1.04
N LEU A 41 15.36 9.62 -0.93
CA LEU A 41 14.45 10.00 -1.98
C LEU A 41 13.71 11.29 -1.62
N SER A 42 13.59 12.15 -2.62
CA SER A 42 12.71 13.31 -2.51
C SER A 42 11.22 12.90 -2.38
N CYS A 43 10.38 13.97 -2.15
CA CYS A 43 8.94 13.64 -2.09
C CYS A 43 8.47 13.10 -3.44
N GLU A 44 8.78 13.74 -4.50
CA GLU A 44 8.35 13.23 -5.81
C GLU A 44 8.85 11.83 -6.11
N GLU A 45 10.11 11.55 -5.77
CA GLU A 45 10.70 10.23 -5.98
C GLU A 45 10.03 9.13 -5.15
N ARG A 46 9.66 9.45 -3.90
CA ARG A 46 8.95 8.53 -3.03
C ARG A 46 7.62 8.18 -3.70
N ASN A 47 6.97 9.21 -4.24
CA ASN A 47 5.69 8.96 -4.90
C ASN A 47 5.84 8.10 -6.16
N LEU A 48 6.91 8.29 -6.94
CA LEU A 48 7.14 7.43 -8.10
C LEU A 48 7.30 5.96 -7.69
N LEU A 49 8.06 5.73 -6.61
CA LEU A 49 8.30 4.41 -6.09
C LEU A 49 6.98 3.75 -5.71
N SER A 50 6.17 4.52 -4.96
CA SER A 50 4.87 4.07 -4.54
C SER A 50 3.93 3.74 -5.70
N VAL A 51 3.79 4.65 -6.66
CA VAL A 51 2.92 4.40 -7.81
C VAL A 51 3.33 3.13 -8.57
N ALA A 52 4.63 2.97 -8.80
CA ALA A 52 5.12 1.87 -9.61
C ALA A 52 4.73 0.54 -8.97
N TYR A 53 5.14 0.34 -7.71
CA TYR A 53 4.89 -0.93 -7.07
C TYR A 53 3.40 -1.14 -6.77
N LYS A 54 2.64 -0.06 -6.52
CA LYS A 54 1.22 -0.21 -6.24
C LYS A 54 0.55 -0.80 -7.48
N ASN A 55 0.93 -0.29 -8.65
CA ASN A 55 0.36 -0.78 -9.89
C ASN A 55 0.75 -2.21 -10.17
N VAL A 56 2.02 -2.57 -9.93
CA VAL A 56 2.46 -3.95 -10.13
C VAL A 56 1.68 -4.90 -9.22
N VAL A 57 1.72 -4.64 -7.91
CA VAL A 57 1.08 -5.52 -6.95
C VAL A 57 -0.44 -5.50 -7.15
N GLY A 58 -0.97 -4.37 -7.64
CA GLY A 58 -2.40 -4.24 -7.86
C GLY A 58 -2.91 -5.23 -8.91
N GLY A 59 -2.16 -5.33 -10.01
CA GLY A 59 -2.36 -6.35 -11.02
C GLY A 59 -2.35 -7.77 -10.46
N GLN A 60 -1.33 -8.05 -9.64
CA GLN A 60 -1.17 -9.37 -9.06
C GLN A 60 -2.32 -9.68 -8.11
N ARG A 61 -2.73 -8.68 -7.29
CA ARG A 61 -3.81 -8.91 -6.34
C ARG A 61 -5.11 -9.23 -7.08
N ALA A 62 -5.41 -8.46 -8.11
CA ALA A 62 -6.61 -8.68 -8.89
C ALA A 62 -6.62 -10.07 -9.53
N ALA A 63 -5.47 -10.47 -10.07
CA ALA A 63 -5.35 -11.81 -10.66
C ALA A 63 -5.52 -12.91 -9.61
N TRP A 64 -4.82 -12.77 -8.47
CA TRP A 64 -4.90 -13.72 -7.38
C TRP A 64 -6.35 -13.89 -6.91
N ARG A 65 -7.10 -12.79 -6.85
CA ARG A 65 -8.49 -12.90 -6.41
C ARG A 65 -9.35 -13.71 -7.36
N VAL A 66 -9.15 -13.46 -8.66
CA VAL A 66 -9.83 -14.22 -9.70
C VAL A 66 -9.57 -15.71 -9.54
N LEU A 67 -8.29 -16.08 -9.44
CA LEU A 67 -7.87 -17.46 -9.37
C LEU A 67 -8.32 -18.10 -8.06
N SER A 68 -8.24 -17.36 -6.95
CA SER A 68 -8.65 -17.87 -5.66
C SER A 68 -10.15 -18.19 -5.67
N SER A 69 -10.93 -17.31 -6.31
CA SER A 69 -12.37 -17.53 -6.41
C SER A 69 -12.71 -18.78 -7.22
N ILE A 70 -12.02 -18.95 -8.35
CA ILE A 70 -12.18 -20.16 -9.15
C ILE A 70 -11.83 -21.41 -8.33
N GLU A 71 -10.75 -21.31 -7.56
CA GLU A 71 -10.24 -22.41 -6.78
C GLU A 71 -11.28 -22.79 -5.72
N GLN A 72 -11.85 -21.79 -5.05
CA GLN A 72 -12.81 -22.06 -3.98
C GLN A 72 -14.03 -22.78 -4.54
N LYS A 73 -14.48 -22.33 -5.70
CA LYS A 73 -15.61 -22.95 -6.38
C LYS A 73 -15.34 -24.39 -6.82
N SER A 74 -14.09 -24.69 -7.18
CA SER A 74 -13.73 -26.07 -7.48
C SER A 74 -13.82 -26.98 -6.26
N ASN A 75 -13.63 -26.41 -5.07
CA ASN A 75 -13.67 -27.17 -3.84
C ASN A 75 -15.04 -27.26 -3.18
N GLU A 76 -16.10 -26.79 -3.86
CA GLU A 76 -17.45 -26.99 -3.39
C GLU A 76 -17.96 -28.40 -3.72
N GLU A 77 -18.90 -28.91 -2.91
CA GLU A 77 -19.56 -30.17 -3.20
C GLU A 77 -20.34 -30.05 -4.51
N GLY A 78 -20.21 -31.08 -5.38
CA GLY A 78 -20.89 -31.09 -6.66
C GLY A 78 -20.05 -30.58 -7.82
N SER A 79 -18.89 -29.97 -7.48
CA SER A 79 -17.94 -29.48 -8.47
C SER A 79 -17.10 -30.64 -9.02
N GLU A 80 -16.97 -30.68 -10.36
CA GLU A 80 -16.20 -31.72 -11.03
C GLU A 80 -14.70 -31.51 -10.75
N GLU A 81 -14.00 -32.61 -10.45
CA GLU A 81 -12.55 -32.58 -10.25
C GLU A 81 -11.81 -32.16 -11.51
N LYS A 82 -11.01 -31.09 -11.44
CA LYS A 82 -10.28 -30.67 -12.63
C LYS A 82 -8.76 -30.78 -12.52
N GLY A 83 -8.30 -31.49 -11.48
CA GLY A 83 -6.87 -31.72 -11.33
C GLY A 83 -6.21 -30.54 -10.64
N PRO A 84 -4.86 -30.50 -10.64
CA PRO A 84 -4.11 -29.56 -9.80
C PRO A 84 -3.86 -28.18 -10.42
N GLU A 85 -4.37 -27.93 -11.62
CA GLU A 85 -3.93 -26.79 -12.40
C GLU A 85 -4.36 -25.47 -11.76
N VAL A 86 -5.59 -25.38 -11.29
CA VAL A 86 -6.07 -24.14 -10.67
C VAL A 86 -5.20 -23.76 -9.46
N ARG A 87 -4.98 -24.73 -8.57
CA ARG A 87 -4.15 -24.50 -7.40
C ARG A 87 -2.73 -24.12 -7.84
N GLU A 88 -2.18 -24.88 -8.80
CA GLU A 88 -0.82 -24.61 -9.27
C GLU A 88 -0.66 -23.16 -9.77
N TYR A 89 -1.63 -22.72 -10.59
CA TYR A 89 -1.53 -21.40 -11.19
C TYR A 89 -1.80 -20.28 -10.17
N ARG A 90 -2.75 -20.51 -9.26
CA ARG A 90 -2.94 -19.58 -8.14
C ARG A 90 -1.65 -19.48 -7.33
N GLU A 91 -1.00 -20.61 -7.05
CA GLU A 91 0.25 -20.62 -6.32
C GLU A 91 1.35 -19.85 -7.04
N LYS A 92 1.38 -19.95 -8.37
CA LYS A 92 2.38 -19.25 -9.16
C LYS A 92 2.20 -17.73 -9.03
N VAL A 93 0.96 -17.27 -9.21
CA VAL A 93 0.66 -15.86 -9.08
C VAL A 93 0.94 -15.38 -7.67
N GLU A 94 0.52 -16.17 -6.68
CA GLU A 94 0.77 -15.87 -5.28
C GLU A 94 2.24 -15.70 -4.96
N THR A 95 3.07 -16.62 -5.45
CA THR A 95 4.49 -16.54 -5.24
C THR A 95 5.09 -15.26 -5.83
N GLU A 96 4.65 -14.90 -7.03
CA GLU A 96 5.15 -13.70 -7.68
C GLU A 96 4.75 -12.45 -6.89
N LEU A 97 3.50 -12.43 -6.43
CA LEU A 97 3.01 -11.37 -5.56
C LEU A 97 3.83 -11.26 -4.28
N GLN A 98 4.07 -12.38 -3.60
CA GLN A 98 4.87 -12.36 -2.38
C GLN A 98 6.28 -11.86 -2.69
N GLY A 99 6.80 -12.21 -3.86
CA GLY A 99 8.12 -11.74 -4.24
C GLY A 99 8.19 -10.23 -4.39
N VAL A 100 7.18 -9.65 -5.02
CA VAL A 100 7.07 -8.20 -5.17
C VAL A 100 6.98 -7.54 -3.79
N CYS A 101 6.13 -8.07 -2.91
CA CYS A 101 6.04 -7.56 -1.55
C CYS A 101 7.38 -7.62 -0.82
N ASP A 102 8.06 -8.77 -0.93
CA ASP A 102 9.35 -8.91 -0.28
C ASP A 102 10.40 -7.93 -0.81
N THR A 103 10.38 -7.68 -2.11
CA THR A 103 11.27 -6.70 -2.72
C THR A 103 11.05 -5.30 -2.14
N VAL A 104 9.78 -4.88 -2.07
CA VAL A 104 9.47 -3.56 -1.50
C VAL A 104 9.89 -3.49 -0.04
N LEU A 105 9.53 -4.52 0.75
CA LEU A 105 9.92 -4.54 2.15
C LEU A 105 11.44 -4.52 2.34
N GLY A 106 12.13 -5.19 1.41
CA GLY A 106 13.58 -5.18 1.42
C GLY A 106 14.19 -3.79 1.21
N LEU A 107 13.59 -3.02 0.30
CA LEU A 107 14.05 -1.67 0.03
C LEU A 107 13.80 -0.78 1.23
N LEU A 108 12.64 -0.97 1.85
CA LEU A 108 12.32 -0.16 3.03
C LEU A 108 13.31 -0.46 4.16
N ASP A 109 13.66 -1.73 4.32
CA ASP A 109 14.56 -2.16 5.38
C ASP A 109 16.03 -1.91 5.08
N SER A 110 16.35 -1.80 3.78
CA SER A 110 17.71 -1.62 3.31
C SER A 110 17.83 -0.53 2.23
N HIS A 111 17.79 0.76 2.61
CA HIS A 111 17.83 1.28 3.97
C HIS A 111 16.94 2.52 4.12
N LEU A 112 15.79 2.54 3.43
CA LEU A 112 14.99 3.75 3.32
C LEU A 112 14.50 4.21 4.70
N ILE A 113 13.98 3.27 5.52
CA ILE A 113 13.32 3.67 6.75
C ILE A 113 14.35 4.22 7.72
N LYS A 114 15.50 3.53 7.83
CA LYS A 114 16.45 3.93 8.84
C LYS A 114 17.05 5.30 8.56
N GLU A 115 17.10 5.72 7.29
CA GLU A 115 17.63 7.03 7.00
C GLU A 115 16.57 8.13 7.00
N ALA A 116 15.29 7.76 7.12
CA ALA A 116 14.21 8.73 7.03
C ALA A 116 13.96 9.37 8.40
N GLY A 117 14.27 10.65 8.51
CA GLY A 117 14.16 11.37 9.77
C GLY A 117 13.01 12.38 9.82
N ASP A 118 12.66 12.95 8.67
CA ASP A 118 11.55 13.87 8.64
C ASP A 118 10.24 13.10 8.71
N ALA A 119 9.23 13.73 9.31
CA ALA A 119 7.95 13.06 9.48
C ALA A 119 7.36 12.63 8.14
N GLU A 120 7.47 13.47 7.09
CA GLU A 120 6.84 13.19 5.81
C GLU A 120 7.43 11.94 5.13
N SER A 121 8.75 11.76 5.23
CA SER A 121 9.36 10.57 4.66
C SER A 121 9.15 9.35 5.56
N ARG A 122 9.32 9.52 6.88
CA ARG A 122 9.25 8.38 7.78
C ARG A 122 7.83 7.81 7.80
N VAL A 123 6.82 8.68 7.84
CA VAL A 123 5.45 8.20 7.82
C VAL A 123 5.13 7.54 6.50
N PHE A 124 5.60 8.14 5.40
CA PHE A 124 5.38 7.58 4.08
C PHE A 124 5.89 6.13 4.03
N TYR A 125 7.13 5.92 4.50
CA TYR A 125 7.77 4.62 4.37
C TYR A 125 7.11 3.60 5.29
N LEU A 126 6.73 4.04 6.50
CA LEU A 126 6.13 3.14 7.45
C LEU A 126 4.73 2.73 6.99
N LYS A 127 3.99 3.67 6.40
CA LYS A 127 2.73 3.33 5.76
C LYS A 127 2.93 2.27 4.66
N MET A 128 3.94 2.46 3.81
CA MET A 128 4.26 1.46 2.79
C MET A 128 4.55 0.09 3.40
N LYS A 129 5.31 0.07 4.50
CA LYS A 129 5.66 -1.16 5.18
C LYS A 129 4.39 -1.88 5.65
N GLY A 130 3.47 -1.11 6.24
CA GLY A 130 2.15 -1.62 6.62
C GLY A 130 1.41 -2.17 5.41
N ASP A 131 1.35 -1.38 4.34
CA ASP A 131 0.65 -1.78 3.13
C ASP A 131 1.16 -3.11 2.57
N TYR A 132 2.48 -3.29 2.51
CA TYR A 132 3.00 -4.47 1.82
C TYR A 132 2.90 -5.70 2.72
N TYR A 133 2.97 -5.52 4.05
CA TYR A 133 2.60 -6.62 4.93
C TYR A 133 1.10 -6.94 4.84
N ARG A 134 0.26 -5.92 4.66
CA ARG A 134 -1.16 -6.16 4.47
C ARG A 134 -1.40 -7.00 3.19
N TYR A 135 -0.68 -6.69 2.13
CA TYR A 135 -0.84 -7.46 0.90
C TYR A 135 -0.37 -8.90 1.10
N LEU A 136 0.71 -9.10 1.84
CA LEU A 136 1.08 -10.45 2.21
C LEU A 136 0.00 -11.14 3.03
N ALA A 137 -0.59 -10.40 3.97
CA ALA A 137 -1.65 -10.96 4.82
C ALA A 137 -2.87 -11.44 4.02
N GLU A 138 -3.20 -10.72 2.95
CA GLU A 138 -4.33 -11.07 2.11
C GLU A 138 -4.23 -12.51 1.59
N VAL A 139 -3.00 -12.99 1.32
CA VAL A 139 -2.81 -14.32 0.75
C VAL A 139 -2.26 -15.34 1.73
N ALA A 140 -2.04 -14.93 2.98
CA ALA A 140 -1.40 -15.79 3.97
C ALA A 140 -2.43 -16.73 4.59
N THR A 141 -2.01 -17.96 4.87
CA THR A 141 -2.89 -18.94 5.50
C THR A 141 -2.18 -19.64 6.66
N GLY A 142 -2.63 -19.33 7.89
CA GLY A 142 -2.24 -20.08 9.07
C GLY A 142 -1.72 -19.23 10.22
N ASP A 143 -0.63 -19.69 10.84
CA ASP A 143 0.00 -18.97 11.95
C ASP A 143 0.98 -17.94 11.41
N ASP A 144 1.67 -18.26 10.31
CA ASP A 144 2.49 -17.22 9.72
C ASP A 144 1.57 -16.05 9.34
N LYS A 145 0.30 -16.32 9.06
CA LYS A 145 -0.65 -15.23 8.89
C LYS A 145 -0.65 -14.30 10.11
N LYS A 146 -0.61 -14.86 11.31
CA LYS A 146 -0.64 -14.03 12.51
C LYS A 146 0.53 -13.08 12.61
N ARG A 147 1.75 -13.58 12.33
CA ARG A 147 2.93 -12.76 12.47
C ARG A 147 2.94 -11.68 11.38
N ILE A 148 2.43 -12.02 10.18
CA ILE A 148 2.35 -11.04 9.11
C ILE A 148 1.38 -9.91 9.49
N ILE A 149 0.21 -10.27 10.03
CA ILE A 149 -0.78 -9.29 10.48
C ILE A 149 -0.15 -8.39 11.54
N ASP A 150 0.56 -8.99 12.50
CA ASP A 150 1.17 -8.18 13.53
C ASP A 150 2.24 -7.23 12.98
N SER A 151 3.02 -7.71 11.98
CA SER A 151 3.97 -6.82 11.32
C SER A 151 3.29 -5.63 10.63
N ALA A 152 2.20 -5.89 9.91
CA ALA A 152 1.45 -4.78 9.32
C ALA A 152 0.98 -3.82 10.41
N ARG A 153 0.34 -4.36 11.46
CA ARG A 153 -0.23 -3.53 12.51
CA ARG A 153 -0.23 -3.52 12.51
C ARG A 153 0.85 -2.65 13.15
N SER A 154 2.02 -3.24 13.40
CA SER A 154 3.09 -2.54 14.07
C SER A 154 3.60 -1.37 13.23
N ALA A 155 3.70 -1.58 11.92
CA ALA A 155 4.20 -0.54 11.05
C ALA A 155 3.18 0.58 10.97
N TYR A 156 1.91 0.22 10.78
CA TYR A 156 0.87 1.23 10.75
C TYR A 156 0.84 2.04 12.04
N GLN A 157 0.96 1.36 13.18
CA GLN A 157 0.85 2.02 14.47
C GLN A 157 1.99 3.02 14.69
N GLU A 158 3.21 2.63 14.32
CA GLU A 158 4.35 3.53 14.45
C GLU A 158 4.13 4.77 13.57
N ALA A 159 3.62 4.53 12.35
CA ALA A 159 3.33 5.62 11.42
C ALA A 159 2.26 6.54 12.00
N MET A 160 1.20 5.96 12.58
CA MET A 160 0.11 6.75 13.14
C MET A 160 0.63 7.63 14.27
N ASP A 161 1.46 7.06 15.15
CA ASP A 161 1.92 7.81 16.31
C ASP A 161 2.71 9.05 15.86
N ILE A 162 3.59 8.87 14.86
CA ILE A 162 4.39 9.98 14.34
C ILE A 162 3.47 11.01 13.66
N SER A 163 2.53 10.54 12.83
CA SER A 163 1.69 11.43 12.06
C SER A 163 0.84 12.30 13.00
N LYS A 164 0.37 11.69 14.10
CA LYS A 164 -0.46 12.42 15.04
C LYS A 164 0.34 13.49 15.76
N LYS A 165 1.61 13.21 16.05
CA LYS A 165 2.46 14.17 16.72
C LYS A 165 2.94 15.28 15.79
N GLU A 166 3.20 14.94 14.52
CA GLU A 166 4.01 15.80 13.66
C GLU A 166 3.31 16.46 12.49
N MET A 167 2.08 16.03 12.16
CA MET A 167 1.39 16.48 10.97
C MET A 167 0.00 16.96 11.34
N PRO A 168 -0.55 17.94 10.58
CA PRO A 168 -1.92 18.40 10.79
C PRO A 168 -2.89 17.32 10.35
N PRO A 169 -4.12 17.31 10.91
CA PRO A 169 -5.11 16.29 10.58
C PRO A 169 -5.51 16.20 9.11
N THR A 170 -5.26 17.28 8.34
CA THR A 170 -5.55 17.29 6.92
C THR A 170 -4.39 16.86 6.02
N ASN A 171 -3.22 16.62 6.60
CA ASN A 171 -2.07 16.20 5.80
C ASN A 171 -2.42 14.96 4.95
N PRO A 172 -2.30 14.98 3.60
CA PRO A 172 -2.68 13.83 2.78
C PRO A 172 -1.98 12.52 3.14
N ILE A 173 -0.73 12.60 3.61
CA ILE A 173 -0.04 11.37 3.99
C ILE A 173 -0.75 10.82 5.22
N ARG A 174 -1.01 11.69 6.21
CA ARG A 174 -1.70 11.29 7.43
C ARG A 174 -3.08 10.70 7.12
N LEU A 175 -3.82 11.36 6.22
CA LEU A 175 -5.14 10.88 5.83
C LEU A 175 -5.08 9.53 5.14
N GLY A 176 -4.14 9.38 4.21
CA GLY A 176 -3.99 8.13 3.47
C GLY A 176 -3.58 6.98 4.37
N LEU A 177 -2.72 7.30 5.35
CA LEU A 177 -2.30 6.33 6.33
C LEU A 177 -3.49 5.85 7.13
N ALA A 178 -4.29 6.80 7.65
CA ALA A 178 -5.46 6.42 8.45
C ALA A 178 -6.46 5.63 7.61
N LEU A 179 -6.72 6.06 6.38
CA LEU A 179 -7.55 5.28 5.47
C LEU A 179 -7.08 3.84 5.38
N ASN A 180 -5.79 3.64 5.08
CA ASN A 180 -5.31 2.28 4.86
C ASN A 180 -5.29 1.47 6.16
N PHE A 181 -5.01 2.10 7.30
CA PHE A 181 -5.05 1.39 8.57
C PHE A 181 -6.50 0.98 8.87
N SER A 182 -7.46 1.83 8.51
CA SER A 182 -8.85 1.46 8.68
C SER A 182 -9.22 0.26 7.82
N VAL A 183 -8.71 0.20 6.58
CA VAL A 183 -8.92 -0.95 5.71
C VAL A 183 -8.30 -2.21 6.31
N PHE A 184 -7.09 -2.09 6.85
CA PHE A 184 -6.47 -3.19 7.60
C PHE A 184 -7.42 -3.71 8.67
N HIS A 185 -7.97 -2.81 9.51
CA HIS A 185 -8.83 -3.25 10.59
C HIS A 185 -10.03 -4.02 10.05
N TYR A 186 -10.64 -3.49 8.99
CA TYR A 186 -11.89 -4.03 8.51
C TYR A 186 -11.69 -5.33 7.72
N GLU A 187 -10.69 -5.31 6.84
CA GLU A 187 -10.50 -6.37 5.87
C GLU A 187 -9.58 -7.49 6.34
N ILE A 188 -8.64 -7.18 7.22
CA ILE A 188 -7.59 -8.13 7.60
C ILE A 188 -7.73 -8.57 9.05
N ALA A 189 -7.99 -7.59 9.95
CA ALA A 189 -7.87 -7.83 11.38
C ALA A 189 -9.19 -8.21 12.04
N ASN A 190 -10.24 -8.33 11.26
CA ASN A 190 -11.55 -8.71 11.79
C ASN A 190 -11.97 -7.73 12.88
N SER A 191 -11.73 -6.42 12.66
CA SER A 191 -12.06 -5.41 13.65
C SER A 191 -12.86 -4.28 13.02
N PRO A 192 -14.09 -4.54 12.50
CA PRO A 192 -14.84 -3.49 11.81
C PRO A 192 -15.13 -2.30 12.70
N GLU A 193 -15.33 -2.51 14.01
CA GLU A 193 -15.62 -1.36 14.86
C GLU A 193 -14.42 -0.41 15.00
N GLU A 194 -13.23 -0.99 15.12
CA GLU A 194 -12.00 -0.20 15.10
C GLU A 194 -11.88 0.58 13.78
N ALA A 195 -12.14 -0.10 12.67
CA ALA A 195 -12.13 0.53 11.35
C ALA A 195 -13.07 1.74 11.27
N ILE A 196 -14.31 1.56 11.68
CA ILE A 196 -15.32 2.61 11.65
C ILE A 196 -14.91 3.79 12.54
N SER A 197 -14.48 3.49 13.76
CA SER A 197 -14.09 4.52 14.71
C SER A 197 -12.92 5.33 14.18
N LEU A 198 -11.92 4.62 13.64
CA LEU A 198 -10.79 5.33 13.08
C LEU A 198 -11.22 6.23 11.92
N ALA A 199 -12.02 5.69 10.99
CA ALA A 199 -12.44 6.47 9.82
C ALA A 199 -13.22 7.71 10.22
N LYS A 200 -14.15 7.53 11.17
CA LYS A 200 -14.98 8.62 11.67
C LYS A 200 -14.16 9.72 12.33
N THR A 201 -13.26 9.35 13.25
CA THR A 201 -12.44 10.32 13.95
C THR A 201 -11.50 11.06 12.99
N THR A 202 -10.92 10.30 12.06
CA THR A 202 -10.01 10.89 11.07
C THR A 202 -10.76 11.92 10.24
N PHE A 203 -11.96 11.56 9.79
CA PHE A 203 -12.75 12.43 8.94
C PHE A 203 -13.11 13.72 9.67
N ASP A 204 -13.60 13.57 10.91
CA ASP A 204 -14.07 14.68 11.71
C ASP A 204 -12.95 15.64 12.07
N GLU A 205 -11.76 15.12 12.39
CA GLU A 205 -10.65 15.97 12.76
C GLU A 205 -10.11 16.72 11.54
N ALA A 206 -10.18 16.08 10.37
CA ALA A 206 -9.75 16.74 9.15
C ALA A 206 -10.74 17.85 8.78
N MET A 207 -12.04 17.55 8.88
CA MET A 207 -13.08 18.53 8.58
C MET A 207 -12.84 19.84 9.31
N ALA A 208 -12.47 19.70 10.58
CA ALA A 208 -12.29 20.85 11.45
C ALA A 208 -11.02 21.66 11.18
N ASP A 209 -10.09 21.10 10.39
CA ASP A 209 -8.87 21.79 10.01
C ASP A 209 -8.85 22.31 8.56
N LEU A 210 -9.92 22.05 7.79
CA LEU A 210 -9.97 22.42 6.40
C LEU A 210 -9.83 23.94 6.22
N HIS A 211 -10.33 24.69 7.19
CA HIS A 211 -10.35 26.14 7.11
C HIS A 211 -8.95 26.77 7.00
N THR A 212 -7.91 26.01 7.39
CA THR A 212 -6.54 26.48 7.41
C THR A 212 -5.86 26.40 6.05
N LEU A 213 -6.50 25.71 5.10
CA LEU A 213 -5.88 25.28 3.86
C LEU A 213 -6.14 26.20 2.67
N SER A 214 -5.17 26.25 1.76
CA SER A 214 -5.39 26.82 0.44
C SER A 214 -6.39 26.02 -0.38
N GLU A 215 -6.87 26.61 -1.48
CA GLU A 215 -7.77 25.91 -2.38
C GLU A 215 -7.17 24.58 -2.87
N ASP A 216 -5.89 24.59 -3.24
CA ASP A 216 -5.27 23.36 -3.75
C ASP A 216 -5.08 22.29 -2.67
N SER A 217 -4.64 22.70 -1.48
CA SER A 217 -4.50 21.77 -0.37
C SER A 217 -5.87 21.22 0.04
N TYR A 218 -6.87 22.11 0.05
CA TYR A 218 -8.24 21.70 0.33
C TYR A 218 -8.70 20.59 -0.61
N LYS A 219 -8.45 20.77 -1.91
CA LYS A 219 -8.80 19.74 -2.87
C LYS A 219 -8.07 18.43 -2.58
N ASP A 220 -6.77 18.49 -2.25
CA ASP A 220 -5.99 17.28 -1.96
C ASP A 220 -6.52 16.52 -0.75
N SER A 221 -6.81 17.24 0.33
CA SER A 221 -7.35 16.64 1.54
C SER A 221 -8.76 16.07 1.38
N THR A 222 -9.66 16.85 0.76
CA THR A 222 -11.04 16.42 0.65
C THR A 222 -11.16 15.20 -0.27
N LEU A 223 -10.25 15.07 -1.24
CA LEU A 223 -10.26 13.86 -2.06
C LEU A 223 -10.14 12.59 -1.21
N ILE A 224 -9.19 12.57 -0.27
CA ILE A 224 -9.01 11.39 0.57
C ILE A 224 -10.11 11.25 1.61
N MET A 225 -10.60 12.39 2.12
CA MET A 225 -11.68 12.35 3.09
C MET A 225 -12.91 11.68 2.48
N GLN A 226 -13.14 11.90 1.18
CA GLN A 226 -14.27 11.28 0.53
C GLN A 226 -14.18 9.75 0.51
N LEU A 227 -12.95 9.23 0.41
CA LEU A 227 -12.75 7.79 0.48
C LEU A 227 -13.09 7.22 1.86
N LEU A 228 -12.73 7.96 2.94
CA LEU A 228 -13.12 7.58 4.28
C LEU A 228 -14.64 7.49 4.37
N ARG A 229 -15.30 8.51 3.83
CA ARG A 229 -16.76 8.54 3.82
C ARG A 229 -17.37 7.40 2.99
N ASP A 230 -16.75 7.09 1.85
CA ASP A 230 -17.22 5.99 1.01
C ASP A 230 -17.16 4.67 1.78
N ASN A 231 -16.04 4.44 2.48
CA ASN A 231 -15.92 3.26 3.33
C ASN A 231 -16.95 3.24 4.48
N LEU A 232 -17.14 4.36 5.16
CA LEU A 232 -18.13 4.38 6.22
C LEU A 232 -19.52 4.07 5.67
N THR A 233 -19.82 4.51 4.45
CA THR A 233 -21.10 4.17 3.82
C THR A 233 -21.23 2.67 3.53
N LEU A 234 -20.10 2.09 3.09
CA LEU A 234 -20.03 0.68 2.79
C LEU A 234 -20.15 -0.12 4.09
N TRP A 235 -19.58 0.40 5.18
CA TRP A 235 -19.44 -0.37 6.41
C TRP A 235 -20.62 -0.26 7.37
N THR A 236 -21.48 0.74 7.16
CA THR A 236 -22.59 1.00 8.05
C THR A 236 -23.91 1.06 7.28
N GLN B 1 -18.02 -6.14 -2.39
CA GLN B 1 -17.33 -4.88 -2.61
C GLN B 1 -16.31 -4.63 -1.50
N ARG B 2 -15.03 -4.60 -1.88
CA ARG B 2 -13.95 -4.38 -0.94
C ARG B 2 -13.81 -2.91 -0.58
N SER B 3 -13.21 -2.67 0.59
CA SER B 3 -12.94 -1.32 1.03
C SER B 3 -11.97 -0.63 0.08
N THR B 4 -12.10 0.69 0.00
CA THR B 4 -11.22 1.51 -0.81
C THR B 4 -10.00 1.91 0.01
N THR B 6 -5.95 3.89 -0.29
CA THR B 6 -5.45 5.13 -0.86
C THR B 6 -5.07 4.88 -2.30
N PRO B 7 -5.54 5.71 -3.25
CA PRO B 7 -5.16 5.55 -4.66
C PRO B 7 -3.80 6.20 -4.95
N ASN B 8 -3.34 6.06 -6.20
CA ASN B 8 -2.17 6.79 -6.66
C ASN B 8 -2.44 8.29 -6.80
N VAL B 9 -1.75 9.09 -5.97
CA VAL B 9 -1.95 10.53 -5.85
C VAL B 9 -0.78 11.00 -5.00
N HIS B 10 -0.47 12.30 -4.98
CA HIS B 10 0.82 12.75 -4.45
C HIS B 10 0.98 12.49 -2.91
#